data_8BZU
#
_entry.id   8BZU
#
_entity_poly.entity_id   1
_entity_poly.type   'polydeoxyribonucleotide'
_entity_poly.pdbx_seq_one_letter_code
;(DG)(DG)(DC)(DT)(DT)(DA)(DG)(DG)(DC)(DT)(DT)(DA)(DG)(DG)(DC)(DT)(DT)(DA)(DG)(DG)
(DC)
;
_entity_poly.pdbx_strand_id   A
#